data_6FT8
#
_entry.id   6FT8
#
_cell.length_a   91.640
_cell.length_b   64.210
_cell.length_c   88.360
_cell.angle_alpha   90.00
_cell.angle_beta   127.67
_cell.angle_gamma   90.00
#
_symmetry.space_group_name_H-M   'C 1 2 1'
#
loop_
_entity.id
_entity.type
_entity.pdbx_description
1 polymer 'Dual specificity protein kinase CLK1'
2 non-polymer 3-(3-hydroxyphenyl)-1~{H}-pyrrolo[3,4-g]indol-8-one
3 non-polymer 'SODIUM ION'
4 non-polymer 1,2-ETHANEDIOL
5 non-polymer 'CHLORIDE ION'
6 water water
#
_entity_poly.entity_id   1
_entity_poly.type   'polypeptide(L)'
_entity_poly.pdbx_seq_one_letter_code
;SMHLICQSGDVLSARYEIVDTLGEGAFGKVVECIDHKAGGRHVAVKIVKNVDRYCEAARSEIQVLEHLNTTDPNSTFRCV
QMLEWFEHHGHICIVFELLGLSTYDFIKENGFLPFRLDHIRKMAYQICKSVNFLHSNKLTHTDLKPENILFVQSDYTEAY
NPKIKRDERTLINPDIKVVDFGSATYDDEHHSTLVSTRHYRAPEVILALGWSQPCDVWSIGCILIEYYLGFTVFPTHDSK
EHLAMMERILGPLPKHMIQKTRKRKYFHHDRLDWDEHSSAGRYVSRACKPLKEFMLSQDVEHERLFDLIQKMLEYDPAKR
ITLREALKHPFFDLLKKSI
;
_entity_poly.pdbx_strand_id   A
#
# COMPACT_ATOMS: atom_id res chain seq x y z
N SER A 1 27.46 -0.91 6.33
CA SER A 1 26.73 -1.56 7.48
C SER A 1 25.73 -0.55 8.05
N MET A 2 24.46 -0.87 7.94
CA MET A 2 23.39 0.07 8.26
C MET A 2 23.45 0.71 9.64
N HIS A 3 23.62 -0.10 10.66
CA HIS A 3 23.65 0.45 12.01
CA HIS A 3 23.68 0.40 12.03
C HIS A 3 24.75 1.51 12.18
N LEU A 4 25.88 1.31 11.53
CA LEU A 4 27.02 2.23 11.70
C LEU A 4 26.83 3.66 11.17
N ILE A 5 25.80 3.93 10.38
CA ILE A 5 25.80 5.17 9.59
C ILE A 5 24.53 6.04 9.71
N CYS A 6 23.59 5.65 10.54
CA CYS A 6 22.23 6.30 10.48
C CYS A 6 21.93 7.11 11.74
N GLN A 7 22.96 7.64 12.42
CA GLN A 7 22.78 8.19 13.81
C GLN A 7 22.43 9.70 13.89
N SER A 8 21.60 10.11 14.84
CA SER A 8 21.34 11.55 15.03
CA SER A 8 21.32 11.55 15.05
C SER A 8 22.64 12.35 15.14
N GLY A 9 22.71 13.47 14.42
CA GLY A 9 23.87 14.30 14.34
C GLY A 9 24.84 13.97 13.22
N ASP A 10 24.73 12.78 12.62
CA ASP A 10 25.52 12.44 11.44
C ASP A 10 25.15 13.38 10.33
N VAL A 11 26.10 13.74 9.48
CA VAL A 11 25.89 14.60 8.36
C VAL A 11 26.18 13.82 7.09
N LEU A 12 25.21 13.85 6.18
CA LEU A 12 25.31 13.15 4.91
C LEU A 12 25.56 14.14 3.78
N SER A 13 26.40 13.75 2.81
CA SER A 13 26.62 14.57 1.59
C SER A 13 27.01 16.02 1.89
N ALA A 14 27.70 16.19 3.00
CA ALA A 14 28.11 17.50 3.53
C ALA A 14 26.97 18.49 3.68
N ARG A 15 25.73 18.01 3.85
CA ARG A 15 24.61 18.92 3.93
C ARG A 15 23.43 18.46 4.77
N TYR A 16 23.15 17.17 4.84
CA TYR A 16 21.95 16.66 5.49
C TYR A 16 22.26 16.14 6.91
N GLU A 17 21.78 16.83 7.92
CA GLU A 17 22.07 16.50 9.30
C GLU A 17 20.92 15.68 9.85
N ILE A 18 21.21 14.48 10.29
CA ILE A 18 20.16 13.59 10.80
C ILE A 18 19.60 14.10 12.12
N VAL A 19 18.29 14.21 12.23
CA VAL A 19 17.63 14.57 13.48
C VAL A 19 16.70 13.53 14.05
N ASP A 20 16.26 12.56 13.26
CA ASP A 20 15.32 11.54 13.77
C ASP A 20 15.28 10.35 12.82
N THR A 21 14.72 9.21 13.25
CA THR A 21 14.46 8.11 12.38
C THR A 21 12.96 8.04 12.14
N LEU A 22 12.56 7.97 10.90
CA LEU A 22 11.13 7.97 10.50
C LEU A 22 10.58 6.57 10.25
N GLY A 23 11.42 5.65 9.84
CA GLY A 23 10.96 4.30 9.59
C GLY A 23 12.09 3.37 9.24
N GLU A 24 11.83 2.09 9.37
CA GLU A 24 12.80 1.11 8.87
C GLU A 24 12.07 -0.09 8.28
N GLY A 25 12.49 -0.49 7.07
CA GLY A 25 11.89 -1.62 6.38
C GLY A 25 12.96 -2.60 5.96
N ALA A 26 12.57 -3.57 5.12
CA ALA A 26 13.50 -4.57 4.62
C ALA A 26 14.73 -3.87 3.99
N PHE A 27 14.45 -2.74 3.36
CA PHE A 27 15.37 -2.05 2.49
C PHE A 27 16.48 -1.26 3.23
N GLY A 28 16.36 -1.03 4.53
CA GLY A 28 17.18 0.02 5.17
C GLY A 28 16.36 0.91 6.07
N LYS A 29 16.62 2.23 6.07
CA LYS A 29 15.98 3.14 7.06
C LYS A 29 15.64 4.40 6.37
N VAL A 30 14.65 5.12 6.89
CA VAL A 30 14.36 6.47 6.43
C VAL A 30 14.58 7.43 7.64
N VAL A 31 15.40 8.47 7.45
CA VAL A 31 15.72 9.39 8.50
C VAL A 31 15.27 10.77 8.12
N GLU A 32 14.94 11.59 9.10
CA GLU A 32 14.60 12.98 8.88
C GLU A 32 15.87 13.76 9.08
N CYS A 33 16.15 14.64 8.12
CA CYS A 33 17.36 15.46 8.14
C CYS A 33 17.05 16.93 7.94
N ILE A 34 17.90 17.78 8.47
CA ILE A 34 17.90 19.21 8.14
C ILE A 34 18.82 19.40 6.95
N ASP A 35 18.34 20.04 5.90
CA ASP A 35 19.17 20.30 4.72
C ASP A 35 19.82 21.66 4.83
N HIS A 36 21.09 21.70 5.24
CA HIS A 36 21.81 22.94 5.49
C HIS A 36 22.13 23.73 4.25
N LYS A 37 21.92 23.15 3.09
CA LYS A 37 22.12 23.86 1.80
C LYS A 37 20.83 24.19 1.07
N ALA A 38 19.69 23.96 1.70
CA ALA A 38 18.42 24.49 1.22
C ALA A 38 17.71 25.20 2.36
N GLY A 39 18.42 26.08 3.04
CA GLY A 39 17.80 26.93 4.00
C GLY A 39 17.24 26.26 5.22
N GLY A 40 17.75 25.06 5.51
CA GLY A 40 17.33 24.34 6.69
C GLY A 40 16.02 23.57 6.53
N ARG A 41 15.58 23.38 5.30
CA ARG A 41 14.43 22.53 5.00
C ARG A 41 14.58 21.17 5.64
N HIS A 42 13.53 20.63 6.26
CA HIS A 42 13.59 19.24 6.70
C HIS A 42 13.15 18.32 5.58
N VAL A 43 13.93 17.29 5.37
CA VAL A 43 13.71 16.30 4.31
C VAL A 43 13.77 14.91 4.89
N ALA A 44 13.32 13.91 4.13
CA ALA A 44 13.42 12.51 4.46
C ALA A 44 14.44 11.90 3.62
N VAL A 45 15.38 11.16 4.17
CA VAL A 45 16.42 10.49 3.41
C VAL A 45 16.29 9.00 3.63
N LYS A 46 16.11 8.26 2.52
CA LYS A 46 16.02 6.80 2.56
C LYS A 46 17.44 6.31 2.34
N ILE A 47 17.95 5.57 3.31
CA ILE A 47 19.29 4.98 3.32
CA ILE A 47 19.29 5.00 3.29
C ILE A 47 19.14 3.49 3.04
N VAL A 48 19.67 3.03 1.92
CA VAL A 48 19.42 1.72 1.44
C VAL A 48 20.55 0.79 1.87
N LYS A 49 20.21 -0.41 2.34
CA LYS A 49 21.18 -1.43 2.65
C LYS A 49 22.09 -1.71 1.45
N ASN A 50 23.35 -2.01 1.74
CA ASN A 50 24.33 -2.34 0.68
C ASN A 50 24.22 -3.83 0.32
N VAL A 51 23.09 -4.16 -0.27
CA VAL A 51 22.72 -5.52 -0.60
C VAL A 51 22.07 -5.46 -1.99
N ASP A 52 22.47 -6.40 -2.84
CA ASP A 52 22.24 -6.39 -4.26
C ASP A 52 20.79 -6.05 -4.61
N ARG A 53 19.83 -6.76 -4.02
CA ARG A 53 18.48 -6.59 -4.43
C ARG A 53 17.87 -5.24 -4.01
N TYR A 54 18.28 -4.75 -2.84
CA TYR A 54 17.83 -3.43 -2.42
C TYR A 54 18.49 -2.28 -3.19
N CYS A 55 19.76 -2.43 -3.53
CA CYS A 55 20.42 -1.48 -4.39
CA CYS A 55 20.44 -1.50 -4.40
C CYS A 55 19.74 -1.42 -5.75
N GLU A 56 19.40 -2.57 -6.32
CA GLU A 56 18.73 -2.60 -7.62
C GLU A 56 17.37 -1.91 -7.52
N ALA A 57 16.63 -2.15 -6.45
CA ALA A 57 15.33 -1.55 -6.27
C ALA A 57 15.49 -0.05 -6.15
N ALA A 58 16.49 0.39 -5.42
CA ALA A 58 16.67 1.85 -5.23
C ALA A 58 17.01 2.55 -6.55
N ARG A 59 17.88 1.95 -7.34
CA ARG A 59 18.22 2.47 -8.64
C ARG A 59 16.97 2.56 -9.49
N SER A 60 16.13 1.53 -9.42
CA SER A 60 14.91 1.54 -10.21
C SER A 60 13.96 2.63 -9.69
N GLU A 61 13.83 2.78 -8.39
CA GLU A 61 13.01 3.78 -7.79
C GLU A 61 13.43 5.17 -8.27
N ILE A 62 14.73 5.45 -8.27
CA ILE A 62 15.23 6.74 -8.74
C ILE A 62 14.80 6.97 -10.19
N GLN A 63 14.89 5.96 -11.06
CA GLN A 63 14.51 6.16 -12.44
C GLN A 63 13.01 6.46 -12.54
N VAL A 64 12.20 5.71 -11.80
CA VAL A 64 10.72 5.91 -11.88
C VAL A 64 10.39 7.27 -11.34
N LEU A 65 10.94 7.70 -10.22
CA LEU A 65 10.64 8.99 -9.60
CA LEU A 65 10.54 8.98 -9.70
C LEU A 65 11.06 10.12 -10.53
N GLU A 66 12.20 9.96 -11.18
CA GLU A 66 12.60 11.01 -12.12
C GLU A 66 11.55 11.18 -13.21
N HIS A 67 11.07 10.08 -13.76
CA HIS A 67 9.97 10.12 -14.70
C HIS A 67 8.72 10.73 -14.11
N LEU A 68 8.25 10.22 -13.00
CA LEU A 68 6.93 10.63 -12.50
C LEU A 68 7.01 12.09 -12.09
N ASN A 69 8.09 12.51 -11.47
CA ASN A 69 8.18 13.86 -10.95
C ASN A 69 8.35 14.88 -12.09
N THR A 70 9.01 14.50 -13.19
CA THR A 70 9.10 15.35 -14.37
CA THR A 70 9.06 15.42 -14.32
C THR A 70 7.76 15.45 -15.07
N THR A 71 7.02 14.32 -15.11
CA THR A 71 5.70 14.28 -15.76
C THR A 71 4.68 15.12 -14.99
N ASP A 72 4.80 15.20 -13.66
CA ASP A 72 3.85 15.84 -12.76
C ASP A 72 4.57 16.76 -11.83
N PRO A 73 5.06 17.88 -12.38
CA PRO A 73 5.91 18.71 -11.55
C PRO A 73 5.23 19.44 -10.42
N ASN A 74 3.94 19.74 -10.54
CA ASN A 74 3.14 20.29 -9.41
C ASN A 74 2.67 19.22 -8.36
N SER A 75 2.99 17.91 -8.54
CA SER A 75 2.52 16.78 -7.67
C SER A 75 1.01 16.80 -7.57
N THR A 76 0.35 17.09 -8.68
CA THR A 76 -1.11 17.08 -8.76
C THR A 76 -1.61 15.66 -8.41
N PHE A 77 -0.87 14.65 -8.81
CA PHE A 77 -1.29 13.24 -8.58
C PHE A 77 -0.65 12.60 -7.40
N ARG A 78 -0.02 13.40 -6.53
CA ARG A 78 0.28 12.90 -5.17
C ARG A 78 1.30 11.78 -5.07
N CYS A 79 2.18 11.58 -6.05
CA CYS A 79 3.37 10.74 -5.83
C CYS A 79 4.42 11.61 -5.07
N VAL A 80 5.13 10.97 -4.17
CA VAL A 80 6.18 11.68 -3.42
C VAL A 80 7.22 12.29 -4.35
N GLN A 81 7.67 13.49 -3.99
CA GLN A 81 8.70 14.16 -4.73
C GLN A 81 10.07 13.77 -4.26
N MET A 82 10.89 13.29 -5.18
CA MET A 82 12.32 13.04 -4.95
C MET A 82 13.07 14.29 -5.26
N LEU A 83 13.95 14.66 -4.34
CA LEU A 83 14.72 15.91 -4.46
C LEU A 83 16.07 15.69 -5.06
N GLU A 84 16.74 14.59 -4.69
CA GLU A 84 18.04 14.17 -5.27
C GLU A 84 18.42 12.84 -4.68
N TRP A 85 19.55 12.32 -5.10
CA TRP A 85 20.09 11.12 -4.56
C TRP A 85 21.59 11.24 -4.53
N PHE A 86 22.21 10.42 -3.68
CA PHE A 86 23.66 10.41 -3.55
C PHE A 86 24.11 9.09 -2.91
N GLU A 87 25.41 8.93 -2.74
CA GLU A 87 25.94 7.74 -2.08
C GLU A 87 26.73 8.15 -0.86
N HIS A 88 26.54 7.39 0.22
CA HIS A 88 27.17 7.66 1.52
C HIS A 88 27.79 6.36 2.01
N HIS A 89 29.09 6.32 2.20
CA HIS A 89 29.76 5.06 2.57
C HIS A 89 29.29 3.86 1.74
N GLY A 90 29.10 4.10 0.45
CA GLY A 90 28.73 3.07 -0.49
C GLY A 90 27.25 2.76 -0.54
N HIS A 91 26.46 3.41 0.29
CA HIS A 91 25.02 3.20 0.32
C HIS A 91 24.33 4.24 -0.52
N ILE A 92 23.31 3.79 -1.26
CA ILE A 92 22.45 4.70 -1.99
C ILE A 92 21.51 5.40 -1.03
N CYS A 93 21.39 6.71 -1.17
CA CYS A 93 20.56 7.53 -0.31
C CYS A 93 19.67 8.38 -1.19
N ILE A 94 18.36 8.28 -1.01
CA ILE A 94 17.40 9.04 -1.81
C ILE A 94 16.74 10.09 -0.93
N VAL A 95 16.74 11.33 -1.39
CA VAL A 95 16.21 12.44 -0.60
C VAL A 95 14.83 12.76 -1.09
N PHE A 96 13.89 12.87 -0.19
CA PHE A 96 12.47 13.14 -0.52
C PHE A 96 11.99 14.31 0.25
N GLU A 97 10.92 14.94 -0.20
CA GLU A 97 10.15 15.80 0.65
C GLU A 97 9.75 15.02 1.91
N LEU A 98 9.67 15.73 3.02
CA LEU A 98 9.21 15.16 4.28
C LEU A 98 7.72 15.13 4.37
N LEU A 99 7.22 13.96 4.73
CA LEU A 99 5.78 13.69 4.93
C LEU A 99 5.56 13.36 6.36
N GLY A 100 4.32 13.13 6.72
CA GLY A 100 3.91 12.65 8.05
C GLY A 100 3.91 11.17 8.21
N LEU A 101 3.18 10.66 9.18
CA LEU A 101 3.14 9.28 9.45
C LEU A 101 2.57 8.50 8.26
N SER A 102 3.08 7.28 8.07
CA SER A 102 2.41 6.39 7.15
C SER A 102 1.05 6.06 7.72
N THR A 103 0.13 5.67 6.85
CA THR A 103 -1.18 5.29 7.31
C THR A 103 -1.12 4.11 8.24
N TYR A 104 -0.19 3.16 8.03
CA TYR A 104 -0.03 2.04 8.93
C TYR A 104 0.41 2.58 10.29
N ASP A 105 1.46 3.40 10.33
CA ASP A 105 1.96 3.88 11.67
C ASP A 105 0.91 4.71 12.39
N PHE A 106 0.09 5.43 11.65
CA PHE A 106 -1.01 6.16 12.28
C PHE A 106 -1.95 5.18 12.93
N ILE A 107 -2.39 4.15 12.21
CA ILE A 107 -3.32 3.20 12.77
C ILE A 107 -2.68 2.55 13.99
N LYS A 108 -1.40 2.16 13.90
CA LYS A 108 -0.72 1.48 14.99
C LYS A 108 -0.68 2.38 16.24
N GLU A 109 -0.33 3.66 16.08
CA GLU A 109 -0.27 4.59 17.19
C GLU A 109 -1.65 4.96 17.75
N ASN A 110 -2.70 4.65 16.98
CA ASN A 110 -4.07 4.87 17.38
C ASN A 110 -4.66 3.56 17.90
N GLY A 111 -3.82 2.67 18.37
CA GLY A 111 -4.34 1.42 19.00
C GLY A 111 -5.03 0.50 18.03
N PHE A 112 -4.63 0.57 16.75
CA PHE A 112 -5.19 -0.23 15.70
C PHE A 112 -6.70 0.01 15.52
N LEU A 113 -7.15 1.22 15.85
CA LEU A 113 -8.51 1.60 15.54
C LEU A 113 -8.61 2.07 14.10
N PRO A 114 -9.76 1.82 13.49
CA PRO A 114 -9.93 2.22 12.12
C PRO A 114 -10.19 3.69 11.92
N PHE A 115 -10.10 4.09 10.65
CA PHE A 115 -10.43 5.45 10.25
C PHE A 115 -11.95 5.64 10.14
N ARG A 116 -12.40 6.87 10.36
CA ARG A 116 -13.81 7.13 10.12
C ARG A 116 -14.11 7.28 8.60
N LEU A 117 -15.35 7.01 8.26
CA LEU A 117 -15.71 6.76 6.87
C LEU A 117 -15.43 7.97 5.98
N ASP A 118 -15.66 9.16 6.49
CA ASP A 118 -15.44 10.37 5.67
CA ASP A 118 -15.45 10.34 5.65
C ASP A 118 -13.96 10.55 5.33
N HIS A 119 -13.09 10.10 6.24
CA HIS A 119 -11.67 10.14 5.95
C HIS A 119 -11.28 9.04 4.98
N ILE A 120 -11.84 7.84 5.16
CA ILE A 120 -11.61 6.79 4.21
C ILE A 120 -12.00 7.24 2.78
N ARG A 121 -13.12 7.92 2.66
CA ARG A 121 -13.59 8.35 1.33
C ARG A 121 -12.54 9.24 0.67
N LYS A 122 -12.07 10.23 1.41
CA LYS A 122 -11.06 11.16 0.87
C LYS A 122 -9.74 10.47 0.53
N MET A 123 -9.30 9.61 1.44
CA MET A 123 -8.06 8.88 1.24
C MET A 123 -8.16 7.96 0.06
N ALA A 124 -9.27 7.23 -0.05
CA ALA A 124 -9.47 6.34 -1.17
C ALA A 124 -9.43 7.07 -2.49
N TYR A 125 -10.10 8.22 -2.53
CA TYR A 125 -10.13 8.97 -3.78
C TYR A 125 -8.71 9.37 -4.17
N GLN A 126 -7.93 9.87 -3.23
CA GLN A 126 -6.57 10.30 -3.56
C GLN A 126 -5.67 9.15 -3.92
N ILE A 127 -5.78 8.03 -3.21
CA ILE A 127 -5.01 6.84 -3.58
C ILE A 127 -5.34 6.41 -5.01
N CYS A 128 -6.65 6.35 -5.32
CA CYS A 128 -7.05 5.93 -6.64
C CYS A 128 -6.54 6.88 -7.74
N LYS A 129 -6.62 8.19 -7.46
CA LYS A 129 -6.17 9.18 -8.46
C LYS A 129 -4.66 9.06 -8.65
N SER A 130 -3.93 8.86 -7.57
CA SER A 130 -2.46 8.79 -7.69
C SER A 130 -2.02 7.57 -8.42
N VAL A 131 -2.58 6.41 -8.03
CA VAL A 131 -2.22 5.19 -8.71
C VAL A 131 -2.69 5.17 -10.13
N ASN A 132 -3.86 5.78 -10.39
CA ASN A 132 -4.34 5.86 -11.78
C ASN A 132 -3.35 6.64 -12.64
N PHE A 133 -2.73 7.63 -12.06
CA PHE A 133 -1.67 8.36 -12.80
C PHE A 133 -0.51 7.44 -13.17
N LEU A 134 -0.11 6.58 -12.22
CA LEU A 134 0.88 5.55 -12.59
C LEU A 134 0.39 4.67 -13.75
N HIS A 135 -0.85 4.21 -13.66
CA HIS A 135 -1.41 3.35 -14.72
C HIS A 135 -1.42 4.07 -16.05
N SER A 136 -1.65 5.36 -16.07
CA SER A 136 -1.69 6.12 -17.32
C SER A 136 -0.33 6.26 -17.93
N ASN A 137 0.71 6.02 -17.15
CA ASN A 137 2.09 6.09 -17.55
C ASN A 137 2.79 4.74 -17.71
N LYS A 138 2.01 3.73 -17.97
CA LYS A 138 2.46 2.39 -18.30
C LYS A 138 3.22 1.80 -17.14
N LEU A 139 2.76 2.13 -15.94
CA LEU A 139 3.39 1.58 -14.68
C LEU A 139 2.42 0.86 -13.80
N THR A 140 2.92 -0.12 -13.06
CA THR A 140 2.16 -0.79 -12.00
C THR A 140 3.01 -0.65 -10.74
N HIS A 141 2.38 -0.29 -9.65
CA HIS A 141 3.15 -0.06 -8.37
C HIS A 141 3.69 -1.40 -7.84
N THR A 142 2.74 -2.34 -7.70
CA THR A 142 2.89 -3.72 -7.22
C THR A 142 3.02 -3.91 -5.72
N ASP A 143 3.31 -2.85 -4.98
CA ASP A 143 3.51 -3.01 -3.52
C ASP A 143 2.77 -1.98 -2.76
N LEU A 144 1.52 -1.77 -3.10
CA LEU A 144 0.66 -0.90 -2.33
C LEU A 144 0.23 -1.56 -1.06
N LYS A 145 0.32 -0.80 0.02
CA LYS A 145 -0.02 -1.27 1.39
C LYS A 145 -0.05 -0.03 2.25
N PRO A 146 -0.64 -0.12 3.42
CA PRO A 146 -0.76 1.10 4.27
C PRO A 146 0.57 1.72 4.64
N GLU A 147 1.65 0.96 4.72
CA GLU A 147 2.95 1.53 5.02
C GLU A 147 3.46 2.43 3.91
N ASN A 148 2.93 2.29 2.71
CA ASN A 148 3.41 3.02 1.53
C ASN A 148 2.47 4.14 1.13
N ILE A 149 1.52 4.43 1.95
CA ILE A 149 0.61 5.59 1.81
CA ILE A 149 0.66 5.60 1.80
C ILE A 149 0.89 6.46 3.02
N LEU A 150 1.37 7.68 2.81
CA LEU A 150 1.76 8.54 3.92
C LEU A 150 0.86 9.74 3.99
N PHE A 151 0.51 10.16 5.19
CA PHE A 151 -0.15 11.43 5.36
C PHE A 151 0.80 12.56 5.05
N VAL A 152 0.29 13.62 4.41
CA VAL A 152 1.07 14.83 4.24
C VAL A 152 1.42 15.48 5.57
N GLN A 153 0.46 15.47 6.49
CA GLN A 153 0.68 16.05 7.78
C GLN A 153 -0.29 15.28 8.69
N SER A 154 0.24 14.68 9.74
CA SER A 154 -0.56 13.72 10.52
C SER A 154 -0.96 14.22 11.90
N ASP A 155 -1.03 15.52 12.06
CA ASP A 155 -1.61 16.10 13.27
C ASP A 155 -3.01 15.58 13.52
N TYR A 156 -3.36 15.39 14.79
CA TYR A 156 -4.64 14.79 15.16
C TYR A 156 -5.23 15.46 16.39
N THR A 157 -6.53 15.22 16.57
CA THR A 157 -7.20 15.52 17.81
C THR A 157 -7.53 14.23 18.50
N GLU A 158 -7.74 14.30 19.79
CA GLU A 158 -7.95 13.09 20.56
C GLU A 158 -9.16 13.25 21.47
N ALA A 159 -10.01 12.23 21.52
CA ALA A 159 -11.17 12.27 22.43
C ALA A 159 -11.54 10.87 22.82
N TYR A 160 -12.02 10.74 24.07
CA TYR A 160 -12.62 9.49 24.54
C TYR A 160 -13.88 9.19 23.70
N ASN A 161 -13.99 7.97 23.22
CA ASN A 161 -15.20 7.51 22.56
C ASN A 161 -15.88 6.46 23.45
N PRO A 162 -16.97 6.86 24.13
CA PRO A 162 -17.65 5.93 25.03
C PRO A 162 -18.44 4.86 24.27
N LYS A 163 -18.79 5.12 23.01
CA LYS A 163 -19.40 4.09 22.16
C LYS A 163 -18.53 2.82 22.04
N ILE A 164 -17.20 2.97 22.22
CA ILE A 164 -16.25 1.83 22.21
C ILE A 164 -15.29 1.81 23.41
N LYS A 165 -15.54 2.66 24.41
CA LYS A 165 -14.73 2.70 25.63
C LYS A 165 -13.22 2.96 25.38
N ARG A 166 -12.89 3.79 24.40
CA ARG A 166 -11.49 4.07 24.05
C ARG A 166 -11.19 5.46 23.54
N ASP A 167 -10.05 5.99 23.97
CA ASP A 167 -9.49 7.20 23.41
C ASP A 167 -9.15 6.96 21.94
N GLU A 168 -9.48 7.95 21.12
CA GLU A 168 -9.45 7.84 19.68
C GLU A 168 -8.75 9.07 19.12
N ARG A 169 -7.83 8.87 18.20
CA ARG A 169 -7.22 9.97 17.46
C ARG A 169 -7.90 10.16 16.10
N THR A 170 -8.17 11.43 15.72
CA THR A 170 -8.84 11.79 14.45
C THR A 170 -7.92 12.78 13.74
N LEU A 171 -7.56 12.46 12.51
CA LEU A 171 -6.76 13.38 11.67
C LEU A 171 -7.44 14.73 11.51
N ILE A 172 -6.63 15.77 11.53
CA ILE A 172 -7.08 17.07 11.15
C ILE A 172 -7.25 17.16 9.63
N ASN A 173 -6.27 16.65 8.87
CA ASN A 173 -6.28 16.66 7.41
C ASN A 173 -5.77 15.32 6.94
N PRO A 174 -6.63 14.54 6.24
CA PRO A 174 -6.24 13.22 5.81
C PRO A 174 -5.56 13.10 4.46
N ASP A 175 -5.10 14.21 3.88
CA ASP A 175 -4.42 14.18 2.59
C ASP A 175 -3.27 13.19 2.64
N ILE A 176 -3.04 12.48 1.53
CA ILE A 176 -1.94 11.52 1.42
C ILE A 176 -1.06 11.72 0.22
N LYS A 177 0.06 10.99 0.26
CA LYS A 177 0.90 10.77 -0.92
C LYS A 177 1.26 9.29 -0.97
N VAL A 178 1.63 8.79 -2.15
CA VAL A 178 2.10 7.44 -2.36
C VAL A 178 3.59 7.45 -2.43
N VAL A 179 4.23 6.49 -1.73
CA VAL A 179 5.67 6.32 -1.75
C VAL A 179 6.05 4.91 -2.19
N ASP A 180 7.36 4.69 -2.25
CA ASP A 180 8.02 3.40 -2.52
C ASP A 180 7.81 2.84 -3.88
N PHE A 181 8.59 3.37 -4.81
CA PHE A 181 8.53 2.97 -6.19
C PHE A 181 9.62 2.06 -6.60
N GLY A 182 10.19 1.35 -5.63
CA GLY A 182 11.25 0.40 -5.92
C GLY A 182 10.84 -0.92 -6.54
N SER A 183 9.53 -1.21 -6.56
CA SER A 183 8.97 -2.44 -7.20
C SER A 183 8.16 -2.09 -8.45
N ALA A 184 7.98 -0.79 -8.71
CA ALA A 184 7.14 -0.35 -9.83
C ALA A 184 7.74 -0.85 -11.17
N THR A 185 6.87 -1.36 -12.05
CA THR A 185 7.27 -2.05 -13.24
C THR A 185 6.55 -1.47 -14.45
N TYR A 186 7.30 -1.13 -15.48
CA TYR A 186 6.72 -0.69 -16.73
C TYR A 186 6.14 -1.82 -17.53
N ASP A 187 5.13 -1.51 -18.36
CA ASP A 187 4.46 -2.53 -19.14
C ASP A 187 5.39 -3.41 -20.00
N ASP A 188 6.43 -2.82 -20.54
CA ASP A 188 7.34 -3.52 -21.46
C ASP A 188 8.58 -4.13 -20.78
N GLU A 189 8.60 -4.09 -19.44
CA GLU A 189 9.73 -4.60 -18.65
C GLU A 189 9.40 -6.00 -18.17
N HIS A 190 10.42 -6.75 -17.76
CA HIS A 190 10.26 -8.02 -17.07
C HIS A 190 9.39 -7.89 -15.83
N HIS A 191 8.41 -8.76 -15.75
CA HIS A 191 7.53 -8.86 -14.63
C HIS A 191 8.01 -9.97 -13.70
N SER A 192 8.44 -9.58 -12.50
CA SER A 192 8.79 -10.55 -11.46
C SER A 192 7.65 -11.53 -11.25
N THR A 193 8.02 -12.77 -10.98
CA THR A 193 7.08 -13.88 -10.82
C THR A 193 6.20 -13.66 -9.62
N LEU A 194 6.78 -13.09 -8.56
CA LEU A 194 6.03 -12.80 -7.35
C LEU A 194 6.15 -11.33 -7.05
N VAL A 195 5.00 -10.69 -6.78
CA VAL A 195 4.96 -9.31 -6.35
C VAL A 195 3.98 -9.17 -5.20
N SER A 196 4.07 -8.00 -4.56
CA SER A 196 3.22 -7.51 -3.49
C SER A 196 3.57 -8.13 -2.16
N THR A 197 3.15 -7.46 -1.09
CA THR A 197 3.31 -7.94 0.29
C THR A 197 2.09 -8.83 0.47
N ARG A 198 2.23 -9.95 1.13
CA ARG A 198 1.26 -11.04 1.03
C ARG A 198 -0.16 -10.58 1.22
N HIS A 199 -0.44 -9.78 2.23
CA HIS A 199 -1.82 -9.49 2.58
C HIS A 199 -2.53 -8.68 1.49
N TYR A 200 -1.76 -8.14 0.53
CA TYR A 200 -2.31 -7.26 -0.50
C TYR A 200 -2.14 -7.90 -1.88
N ARG A 201 -1.75 -9.18 -1.95
CA ARG A 201 -1.39 -9.80 -3.21
C ARG A 201 -2.62 -10.42 -3.96
N ALA A 202 -2.72 -10.11 -5.23
CA ALA A 202 -3.91 -10.48 -6.06
C ALA A 202 -3.89 -11.95 -6.42
N PRO A 203 -5.04 -12.49 -6.74
CA PRO A 203 -5.06 -13.92 -7.06
C PRO A 203 -4.35 -14.30 -8.35
N GLU A 204 -4.34 -13.42 -9.35
CA GLU A 204 -3.60 -13.71 -10.58
C GLU A 204 -2.08 -13.77 -10.28
N VAL A 205 -1.64 -13.03 -9.24
CA VAL A 205 -0.22 -13.08 -8.83
C VAL A 205 0.06 -14.40 -8.18
N ILE A 206 -0.78 -14.79 -7.20
CA ILE A 206 -0.61 -16.07 -6.52
C ILE A 206 -0.64 -17.24 -7.49
N LEU A 207 -1.51 -17.18 -8.48
CA LEU A 207 -1.70 -18.25 -9.44
C LEU A 207 -0.81 -18.17 -10.66
N ALA A 208 0.04 -17.16 -10.68
CA ALA A 208 1.03 -16.98 -11.73
C ALA A 208 0.40 -16.94 -13.13
N LEU A 209 -0.71 -16.24 -13.23
CA LEU A 209 -1.46 -16.10 -14.46
C LEU A 209 -1.02 -14.88 -15.28
N GLY A 210 -0.06 -14.14 -14.76
CA GLY A 210 0.35 -12.88 -15.36
C GLY A 210 -0.35 -11.78 -14.62
N TRP A 211 0.33 -10.67 -14.42
CA TRP A 211 -0.22 -9.55 -13.71
C TRP A 211 0.15 -8.27 -14.44
N SER A 212 -0.65 -7.25 -14.18
CA SER A 212 -0.46 -5.93 -14.73
C SER A 212 -1.14 -4.95 -13.77
N GLN A 213 -1.62 -3.84 -14.31
CA GLN A 213 -2.24 -2.80 -13.48
C GLN A 213 -3.32 -3.28 -12.53
N PRO A 214 -4.22 -4.23 -12.96
CA PRO A 214 -5.23 -4.70 -12.04
C PRO A 214 -4.80 -5.20 -10.68
N CYS A 215 -3.56 -5.71 -10.62
CA CYS A 215 -3.10 -6.21 -9.30
C CYS A 215 -3.01 -5.07 -8.26
N ASP A 216 -2.81 -3.85 -8.74
CA ASP A 216 -2.80 -2.65 -7.86
C ASP A 216 -4.19 -2.35 -7.34
N VAL A 217 -5.20 -2.60 -8.19
CA VAL A 217 -6.57 -2.39 -7.81
C VAL A 217 -6.97 -3.35 -6.67
N TRP A 218 -6.58 -4.63 -6.82
CA TRP A 218 -6.82 -5.58 -5.73
C TRP A 218 -6.19 -5.08 -4.42
N SER A 219 -4.92 -4.68 -4.53
CA SER A 219 -4.24 -4.21 -3.28
C SER A 219 -5.00 -3.07 -2.66
N ILE A 220 -5.47 -2.10 -3.46
CA ILE A 220 -6.24 -1.00 -2.94
C ILE A 220 -7.53 -1.44 -2.26
N GLY A 221 -8.25 -2.40 -2.83
CA GLY A 221 -9.44 -2.92 -2.15
C GLY A 221 -9.05 -3.46 -0.77
N CYS A 222 -7.94 -4.18 -0.69
CA CYS A 222 -7.47 -4.73 0.61
C CYS A 222 -7.10 -3.63 1.59
N ILE A 223 -6.46 -2.56 1.08
CA ILE A 223 -6.11 -1.44 1.93
C ILE A 223 -7.38 -0.79 2.48
N LEU A 224 -8.44 -0.59 1.66
CA LEU A 224 -9.62 0.05 2.11
C LEU A 224 -10.33 -0.74 3.24
N ILE A 225 -10.33 -2.06 3.10
CA ILE A 225 -10.82 -2.95 4.18
C ILE A 225 -10.05 -2.73 5.44
N GLU A 226 -8.74 -2.67 5.34
CA GLU A 226 -7.92 -2.46 6.54
CA GLU A 226 -7.92 -2.48 6.51
C GLU A 226 -8.13 -1.09 7.16
N TYR A 227 -8.38 -0.07 6.36
CA TYR A 227 -8.69 1.24 6.90
C TYR A 227 -10.02 1.24 7.61
N TYR A 228 -10.98 0.50 7.06
CA TYR A 228 -12.32 0.42 7.62
C TYR A 228 -12.38 -0.39 8.92
N LEU A 229 -11.58 -1.46 8.99
CA LEU A 229 -11.62 -2.35 10.17
C LEU A 229 -10.54 -2.12 11.18
N GLY A 230 -9.40 -1.68 10.73
CA GLY A 230 -8.23 -1.66 11.62
C GLY A 230 -7.38 -2.91 11.55
N PHE A 231 -7.77 -3.89 10.74
CA PHE A 231 -7.05 -5.11 10.58
C PHE A 231 -7.31 -5.69 9.22
N THR A 232 -6.42 -6.58 8.81
CA THR A 232 -6.59 -7.29 7.54
C THR A 232 -7.65 -8.38 7.63
N VAL A 233 -8.35 -8.62 6.50
CA VAL A 233 -9.25 -9.81 6.45
C VAL A 233 -8.53 -11.05 5.94
N PHE A 234 -7.25 -10.88 5.60
CA PHE A 234 -6.40 -12.00 5.19
C PHE A 234 -5.19 -12.19 6.16
N PRO A 235 -5.48 -12.57 7.42
CA PRO A 235 -4.42 -12.71 8.46
C PRO A 235 -3.63 -14.03 8.31
N THR A 236 -2.77 -14.08 7.31
CA THR A 236 -2.03 -15.30 6.97
C THR A 236 -0.62 -15.08 6.48
N HIS A 237 0.26 -16.10 6.66
CA HIS A 237 1.58 -16.08 6.02
C HIS A 237 1.83 -17.29 5.13
N ASP A 238 0.74 -17.78 4.51
CA ASP A 238 0.80 -18.95 3.66
C ASP A 238 -0.10 -18.72 2.43
N SER A 239 0.44 -19.03 1.24
CA SER A 239 -0.26 -18.79 -0.01
C SER A 239 -1.56 -19.60 -0.17
N LYS A 240 -1.49 -20.86 0.12
CA LYS A 240 -2.67 -21.69 0.00
C LYS A 240 -3.73 -21.24 1.02
N GLU A 241 -3.33 -20.94 2.27
CA GLU A 241 -4.25 -20.41 3.24
C GLU A 241 -4.89 -19.09 2.79
N HIS A 242 -4.12 -18.26 2.15
CA HIS A 242 -4.61 -17.04 1.60
C HIS A 242 -5.74 -17.30 0.57
N LEU A 243 -5.49 -18.25 -0.32
CA LEU A 243 -6.55 -18.65 -1.26
C LEU A 243 -7.78 -19.18 -0.58
N ALA A 244 -7.60 -19.94 0.48
CA ALA A 244 -8.75 -20.43 1.26
C ALA A 244 -9.55 -19.29 1.87
N MET A 245 -8.84 -18.30 2.39
CA MET A 245 -9.52 -17.12 2.98
C MET A 245 -10.28 -16.36 1.93
N MET A 246 -9.68 -16.19 0.77
CA MET A 246 -10.37 -15.57 -0.38
C MET A 246 -11.67 -16.33 -0.66
N GLU A 247 -11.59 -17.65 -0.70
CA GLU A 247 -12.81 -18.42 -0.97
C GLU A 247 -13.92 -18.17 0.03
N ARG A 248 -13.55 -18.08 1.29
CA ARG A 248 -14.56 -17.88 2.34
C ARG A 248 -15.13 -16.46 2.31
N ILE A 249 -14.31 -15.49 1.96
CA ILE A 249 -14.72 -14.10 1.97
C ILE A 249 -15.42 -13.68 0.69
N LEU A 250 -14.94 -14.20 -0.43
CA LEU A 250 -15.37 -13.73 -1.74
C LEU A 250 -16.10 -14.77 -2.55
N GLY A 251 -16.10 -16.02 -2.14
CA GLY A 251 -16.68 -17.11 -2.91
C GLY A 251 -15.64 -17.86 -3.73
N PRO A 252 -16.06 -18.94 -4.41
CA PRO A 252 -15.12 -19.79 -5.13
C PRO A 252 -14.33 -19.07 -6.22
N LEU A 253 -13.08 -19.45 -6.39
CA LEU A 253 -12.29 -18.97 -7.51
C LEU A 253 -12.97 -19.33 -8.85
N PRO A 254 -12.83 -18.45 -9.87
CA PRO A 254 -13.41 -18.81 -11.18
C PRO A 254 -12.78 -20.07 -11.75
N LYS A 255 -13.59 -20.90 -12.42
CA LYS A 255 -13.07 -22.14 -12.96
C LYS A 255 -11.95 -21.88 -13.96
N HIS A 256 -12.05 -20.85 -14.77
CA HIS A 256 -11.05 -20.57 -15.80
C HIS A 256 -9.66 -20.25 -15.23
N MET A 257 -9.63 -19.65 -14.04
CA MET A 257 -8.36 -19.36 -13.43
C MET A 257 -7.73 -20.63 -12.86
N ILE A 258 -8.52 -21.49 -12.22
CA ILE A 258 -8.03 -22.76 -11.76
C ILE A 258 -7.62 -23.60 -12.97
N GLN A 259 -8.39 -23.52 -14.05
CA GLN A 259 -8.07 -24.30 -15.27
C GLN A 259 -6.69 -23.95 -15.79
N LYS A 260 -6.40 -22.65 -15.80
CA LYS A 260 -5.22 -22.12 -16.51
C LYS A 260 -3.94 -22.19 -15.66
N THR A 261 -4.06 -22.17 -14.36
CA THR A 261 -2.88 -22.05 -13.54
C THR A 261 -1.88 -23.21 -13.57
N ARG A 262 -0.62 -22.83 -13.57
CA ARG A 262 0.48 -23.82 -13.40
C ARG A 262 0.74 -24.16 -11.97
N LYS A 263 0.09 -23.43 -11.05
CA LYS A 263 0.30 -23.60 -9.59
C LYS A 263 -0.54 -24.76 -9.04
N ARG A 264 -0.27 -25.94 -9.58
CA ARG A 264 -1.01 -27.13 -9.24
C ARG A 264 -0.90 -27.51 -7.79
N LYS A 265 0.16 -27.07 -7.09
CA LYS A 265 0.35 -27.41 -5.68
C LYS A 265 -0.80 -27.00 -4.78
N TYR A 266 -1.56 -25.99 -5.22
CA TYR A 266 -2.66 -25.47 -4.43
C TYR A 266 -3.93 -26.28 -4.60
N PHE A 267 -3.97 -27.16 -5.57
CA PHE A 267 -5.23 -27.75 -6.00
C PHE A 267 -5.25 -29.25 -6.00
N HIS A 268 -6.42 -29.80 -5.71
CA HIS A 268 -6.65 -31.22 -5.83
C HIS A 268 -7.75 -31.33 -6.87
N HIS A 269 -7.42 -31.87 -8.01
CA HIS A 269 -8.31 -31.74 -9.18
C HIS A 269 -8.65 -30.26 -9.46
N ASP A 270 -9.92 -29.91 -9.44
CA ASP A 270 -10.33 -28.56 -9.74
C ASP A 270 -10.75 -27.75 -8.50
N ARG A 271 -10.32 -28.19 -7.32
CA ARG A 271 -10.71 -27.54 -6.06
C ARG A 271 -9.46 -27.24 -5.28
N LEU A 272 -9.52 -26.25 -4.43
CA LEU A 272 -8.40 -25.99 -3.53
C LEU A 272 -8.08 -27.22 -2.69
N ASP A 273 -6.81 -27.55 -2.56
CA ASP A 273 -6.39 -28.71 -1.78
C ASP A 273 -6.35 -28.30 -0.32
N TRP A 274 -7.51 -28.34 0.33
CA TRP A 274 -7.72 -27.63 1.61
C TRP A 274 -8.47 -28.50 2.56
N ASP A 275 -7.85 -28.74 3.73
CA ASP A 275 -8.47 -29.51 4.75
C ASP A 275 -9.11 -28.58 5.76
N GLU A 276 -10.44 -28.55 5.75
CA GLU A 276 -11.17 -27.59 6.60
C GLU A 276 -11.00 -27.94 8.08
N HIS A 277 -10.54 -29.15 8.39
CA HIS A 277 -10.46 -29.64 9.79
C HIS A 277 -9.05 -29.60 10.41
N SER A 278 -8.06 -29.21 9.64
CA SER A 278 -6.71 -28.96 10.12
C SER A 278 -6.69 -27.71 10.96
N SER A 279 -5.57 -27.47 11.62
CA SER A 279 -5.36 -26.25 12.35
C SER A 279 -5.60 -25.00 11.53
N ALA A 280 -5.03 -25.00 10.32
CA ALA A 280 -5.21 -23.88 9.43
C ALA A 280 -6.66 -23.76 8.96
N GLY A 281 -7.27 -24.87 8.67
CA GLY A 281 -8.69 -24.95 8.29
C GLY A 281 -9.66 -24.44 9.35
N ARG A 282 -9.37 -24.78 10.61
CA ARG A 282 -10.23 -24.30 11.68
C ARG A 282 -10.07 -22.79 11.85
N TYR A 283 -8.85 -22.26 11.74
CA TYR A 283 -8.61 -20.90 11.85
C TYR A 283 -9.32 -20.12 10.73
N VAL A 284 -9.18 -20.56 9.48
CA VAL A 284 -9.84 -19.84 8.40
C VAL A 284 -11.37 -19.79 8.62
N SER A 285 -11.96 -20.88 9.07
CA SER A 285 -13.39 -20.98 9.33
C SER A 285 -13.78 -19.98 10.42
N ARG A 286 -12.94 -19.82 11.44
CA ARG A 286 -13.24 -18.90 12.54
C ARG A 286 -13.06 -17.48 12.09
N ALA A 287 -11.94 -17.22 11.43
CA ALA A 287 -11.47 -15.89 11.15
C ALA A 287 -12.09 -15.25 9.90
N CYS A 288 -12.69 -16.04 9.00
CA CYS A 288 -13.18 -15.48 7.74
C CYS A 288 -14.67 -15.70 7.63
N LYS A 289 -15.32 -14.78 6.91
CA LYS A 289 -16.74 -14.86 6.66
C LYS A 289 -16.97 -14.01 5.43
N PRO A 290 -18.15 -14.12 4.83
CA PRO A 290 -18.38 -13.34 3.64
C PRO A 290 -18.15 -11.84 3.82
N LEU A 291 -17.65 -11.22 2.78
CA LEU A 291 -17.18 -9.84 2.85
C LEU A 291 -18.14 -8.86 3.49
N LYS A 292 -19.39 -8.92 3.09
CA LYS A 292 -20.33 -7.90 3.59
C LYS A 292 -20.68 -8.10 5.07
N GLU A 293 -20.39 -9.27 5.62
CA GLU A 293 -20.58 -9.47 7.06
C GLU A 293 -19.62 -8.67 7.90
N PHE A 294 -18.59 -8.09 7.28
CA PHE A 294 -17.64 -7.26 8.06
C PHE A 294 -18.13 -5.81 8.22
N MET A 295 -19.22 -5.47 7.53
CA MET A 295 -19.74 -4.11 7.60
C MET A 295 -20.13 -3.77 9.03
N LEU A 296 -19.81 -2.53 9.45
CA LEU A 296 -20.07 -2.03 10.77
C LEU A 296 -21.42 -1.30 10.83
N SER A 297 -21.98 -0.99 9.66
CA SER A 297 -23.26 -0.32 9.54
C SER A 297 -23.88 -0.70 8.22
N GLN A 298 -25.22 -0.66 8.17
CA GLN A 298 -25.96 -0.81 6.93
C GLN A 298 -26.34 0.53 6.26
N ASP A 299 -25.91 1.63 6.83
CA ASP A 299 -26.14 2.93 6.23
C ASP A 299 -25.63 2.87 4.79
N VAL A 300 -26.29 3.61 3.91
CA VAL A 300 -25.98 3.60 2.49
C VAL A 300 -24.52 3.98 2.15
N GLU A 301 -23.90 4.87 2.93
CA GLU A 301 -22.50 5.21 2.63
C GLU A 301 -21.60 3.98 2.86
N HIS A 302 -21.96 3.11 3.81
CA HIS A 302 -21.19 1.91 4.04
C HIS A 302 -21.44 0.93 2.89
N GLU A 303 -22.70 0.87 2.44
CA GLU A 303 -23.01 0.02 1.31
C GLU A 303 -22.29 0.47 0.07
N ARG A 304 -22.18 1.77 -0.13
CA ARG A 304 -21.43 2.31 -1.28
C ARG A 304 -19.94 1.90 -1.21
N LEU A 305 -19.32 2.04 -0.03
CA LEU A 305 -17.93 1.63 0.12
C LEU A 305 -17.78 0.13 -0.17
N PHE A 306 -18.65 -0.69 0.44
CA PHE A 306 -18.52 -2.11 0.22
C PHE A 306 -18.78 -2.54 -1.21
N ASP A 307 -19.64 -1.82 -1.92
CA ASP A 307 -19.86 -2.13 -3.32
C ASP A 307 -18.56 -1.88 -4.10
N LEU A 308 -17.92 -0.76 -3.81
CA LEU A 308 -16.63 -0.50 -4.45
C LEU A 308 -15.54 -1.55 -4.11
N ILE A 309 -15.44 -1.91 -2.83
CA ILE A 309 -14.45 -2.90 -2.42
C ILE A 309 -14.70 -4.23 -3.17
N GLN A 310 -15.97 -4.61 -3.25
CA GLN A 310 -16.32 -5.85 -3.90
C GLN A 310 -15.88 -5.83 -5.36
N LYS A 311 -16.06 -4.69 -6.06
CA LYS A 311 -15.60 -4.54 -7.44
C LYS A 311 -14.09 -4.61 -7.54
N MET A 312 -13.37 -4.01 -6.58
CA MET A 312 -11.96 -4.07 -6.57
C MET A 312 -11.40 -5.47 -6.29
N LEU A 313 -12.17 -6.30 -5.58
CA LEU A 313 -11.80 -7.66 -5.24
C LEU A 313 -12.46 -8.70 -6.18
N GLU A 314 -12.80 -8.27 -7.39
CA GLU A 314 -13.21 -9.17 -8.46
C GLU A 314 -12.00 -10.07 -8.74
N TYR A 315 -12.23 -11.39 -8.80
CA TYR A 315 -11.13 -12.33 -9.04
C TYR A 315 -10.49 -12.15 -10.43
N ASP A 316 -11.29 -12.01 -11.46
CA ASP A 316 -10.76 -11.92 -12.84
CA ASP A 316 -10.80 -11.92 -12.83
C ASP A 316 -10.20 -10.55 -13.09
N PRO A 317 -8.89 -10.48 -13.35
CA PRO A 317 -8.30 -9.19 -13.51
C PRO A 317 -8.74 -8.35 -14.69
N ALA A 318 -9.28 -8.97 -15.73
CA ALA A 318 -9.81 -8.19 -16.83
C ALA A 318 -11.18 -7.58 -16.45
N LYS A 319 -12.02 -8.37 -15.77
CA LYS A 319 -13.32 -7.88 -15.35
CA LYS A 319 -13.32 -7.88 -15.35
C LYS A 319 -13.19 -6.81 -14.28
N ARG A 320 -12.16 -6.90 -13.45
CA ARG A 320 -11.99 -5.99 -12.33
C ARG A 320 -12.07 -4.54 -12.74
N ILE A 321 -12.73 -3.77 -11.87
CA ILE A 321 -12.87 -2.35 -12.07
C ILE A 321 -11.49 -1.75 -12.24
N THR A 322 -11.38 -0.82 -13.18
CA THR A 322 -10.14 -0.03 -13.28
C THR A 322 -10.22 1.15 -12.36
N LEU A 323 -9.04 1.79 -12.11
CA LEU A 323 -9.08 2.98 -11.27
C LEU A 323 -9.79 4.16 -11.89
N ARG A 324 -9.70 4.27 -13.21
CA ARG A 324 -10.49 5.31 -13.93
C ARG A 324 -12.01 5.13 -13.62
N GLU A 325 -12.50 3.90 -13.69
CA GLU A 325 -13.88 3.61 -13.34
C GLU A 325 -14.17 3.80 -11.85
N ALA A 326 -13.24 3.41 -11.00
CA ALA A 326 -13.40 3.57 -9.54
C ALA A 326 -13.62 5.01 -9.14
N LEU A 327 -12.91 5.91 -9.82
CA LEU A 327 -13.01 7.35 -9.53
C LEU A 327 -14.42 7.88 -9.80
N LYS A 328 -15.18 7.17 -10.63
CA LYS A 328 -16.55 7.54 -10.95
C LYS A 328 -17.58 6.81 -10.13
N HIS A 329 -17.17 5.97 -9.15
CA HIS A 329 -18.11 5.18 -8.36
C HIS A 329 -18.96 6.07 -7.41
N PRO A 330 -20.20 5.65 -7.12
CA PRO A 330 -21.04 6.46 -6.20
C PRO A 330 -20.48 6.78 -4.83
N PHE A 331 -19.62 5.93 -4.31
CA PHE A 331 -18.95 6.25 -3.05
C PHE A 331 -18.32 7.62 -3.02
N PHE A 332 -17.82 8.09 -4.15
CA PHE A 332 -17.15 9.38 -4.25
C PHE A 332 -18.06 10.57 -4.54
N ASP A 333 -19.36 10.34 -4.76
CA ASP A 333 -20.23 11.44 -5.16
C ASP A 333 -20.21 12.54 -4.12
N LEU A 334 -20.13 12.14 -2.85
CA LEU A 334 -20.15 13.07 -1.71
C LEU A 334 -19.02 14.08 -1.83
N LEU A 335 -17.91 13.69 -2.45
CA LEU A 335 -16.76 14.60 -2.69
C LEU A 335 -16.91 15.59 -3.85
N LYS A 336 -17.89 15.36 -4.74
CA LYS A 336 -18.08 16.13 -5.93
C LYS A 336 -19.31 17.02 -5.79
N LYS A 337 -19.99 16.92 -4.65
CA LYS A 337 -21.14 17.75 -4.36
C LYS A 337 -20.68 19.20 -4.20
N SER A 338 -21.40 20.12 -4.87
CA SER A 338 -21.04 21.55 -4.95
C SER A 338 -20.86 22.25 -3.58
#